data_7T4B
#
_entry.id   7T4B
#
_cell.length_a   55.418
_cell.length_b   99.032
_cell.length_c   59.111
_cell.angle_alpha   90.00
_cell.angle_beta   108.20
_cell.angle_gamma   90.00
#
_symmetry.space_group_name_H-M   'P 1 21 1'
#
loop_
_entity.id
_entity.type
_entity.pdbx_description
1 polymer '3C-like proteinase'
2 non-polymer '(1R,2S)-2-{[N-({[1-(tert-butoxycarbonyl)azetidin-3-yl]methoxy}carbonyl)-L-leucyl]amino}-1-hydroxy-3-[(3R)-2-oxo-2,3-dihydro-1H-pyrrol-3-yl]propane-1-sulfonic acid'
3 non-polymer '(1S,2S)-2-{[N-({[1-(tert-butoxycarbonyl)azetidin-3-yl]methoxy}carbonyl)-L-leucyl]amino}-1-hydroxy-3-[(3R)-2-oxo-2,3-dihydro-1H-pyrrol-3-yl]propane-1-sulfonic acid'
4 non-polymer 'TETRAETHYLENE GLYCOL'
5 water water
#
_entity_poly.entity_id   1
_entity_poly.type   'polypeptide(L)'
_entity_poly.pdbx_seq_one_letter_code
;SNIGSGFRKMAFPSGKVEGCMVQVTCGTTTLNGLWLDDVVYCPRHVICTSEDMLNPNYEDLLIRKSNHNFLVQAGNVQLR
VIGHSMQNCVLKLKVDTANPKTPKYKFVRIQPGQTFSVLACYNGSPSGVYQCAMRPNFTIKGSFLNGSCGSVGFNIDYDC
VSFCYMHHMELPTGVHAGTDLEGNFYGPFVDRQTAQAAGTDTTITVNVLAWLYAAVINGDRWFLNRFTTTLNDFNLVAMK
YNYEPLTQDHVDILGPLSAQTGIAVLDMCASLKELLQNGMNGRTILGSALLEDEFTPFDVVRQCSGVTF
;
_entity_poly.pdbx_strand_id   A,B
#
# COMPACT_ATOMS: atom_id res chain seq x y z
N ARG A 8 -5.37 -4.74 7.20
CA ARG A 8 -4.57 -3.85 6.35
C ARG A 8 -4.46 -4.38 4.90
N LYS A 9 -4.79 -3.51 3.95
CA LYS A 9 -4.56 -3.83 2.55
C LYS A 9 -3.06 -3.80 2.31
N MET A 10 -2.52 -4.92 1.89
CA MET A 10 -1.08 -5.14 1.86
C MET A 10 -0.70 -5.58 0.46
N ALA A 11 0.30 -4.93 -0.13
CA ALA A 11 0.82 -5.29 -1.43
C ALA A 11 2.01 -6.23 -1.28
N PHE A 12 2.28 -7.01 -2.32
CA PHE A 12 3.50 -7.80 -2.35
C PHE A 12 4.72 -6.90 -2.43
N PRO A 13 5.86 -7.33 -1.86
CA PRO A 13 7.09 -6.57 -2.06
C PRO A 13 7.41 -6.48 -3.54
N SER A 14 7.79 -5.28 -3.99
CA SER A 14 7.80 -4.95 -5.40
C SER A 14 9.19 -5.04 -6.04
N GLY A 15 10.22 -5.39 -5.27
CA GLY A 15 11.57 -5.30 -5.79
C GLY A 15 11.81 -6.13 -7.03
N LYS A 16 11.29 -7.35 -7.07
CA LYS A 16 11.49 -8.20 -8.25
C LYS A 16 10.87 -7.57 -9.49
N VAL A 17 9.79 -6.80 -9.35
CA VAL A 17 9.20 -6.15 -10.52
C VAL A 17 9.92 -4.83 -10.84
N GLU A 18 10.39 -4.10 -9.83
CA GLU A 18 11.09 -2.85 -10.10
C GLU A 18 12.26 -3.05 -11.03
N GLY A 19 12.98 -4.16 -10.86
CA GLY A 19 14.15 -4.46 -11.66
C GLY A 19 13.84 -4.72 -13.12
N CYS A 20 12.56 -4.75 -13.47
CA CYS A 20 12.11 -4.99 -14.82
C CYS A 20 11.52 -3.78 -15.53
N MET A 21 11.35 -2.66 -14.85
CA MET A 21 10.65 -1.55 -15.48
C MET A 21 11.64 -0.70 -16.24
N VAL A 22 11.23 -0.34 -17.46
CA VAL A 22 12.01 0.52 -18.35
C VAL A 22 11.07 1.56 -18.98
N GLN A 23 11.69 2.53 -19.67
CA GLN A 23 10.97 3.59 -20.37
C GLN A 23 11.00 3.31 -21.86
N VAL A 24 9.86 3.48 -22.51
CA VAL A 24 9.71 3.25 -23.95
C VAL A 24 9.19 4.53 -24.58
N THR A 25 9.86 4.98 -25.64
CA THR A 25 9.43 6.22 -26.28
C THR A 25 9.30 5.99 -27.78
N CYS A 26 8.22 6.49 -28.35
CA CYS A 26 8.05 6.47 -29.80
C CYS A 26 7.41 7.80 -30.18
N GLY A 27 8.09 8.55 -31.05
CA GLY A 27 7.66 9.90 -31.33
C GLY A 27 7.69 10.75 -30.07
N THR A 28 6.57 11.42 -29.81
CA THR A 28 6.39 12.24 -28.61
C THR A 28 5.61 11.50 -27.53
N THR A 29 5.54 10.18 -27.61
CA THR A 29 4.82 9.37 -26.63
C THR A 29 5.82 8.60 -25.78
N THR A 30 5.66 8.68 -24.45
CA THR A 30 6.51 7.93 -23.55
C THR A 30 5.62 7.21 -22.56
N LEU A 31 5.93 5.95 -22.31
CA LEU A 31 5.26 5.18 -21.26
C LEU A 31 6.24 4.13 -20.75
N ASN A 32 5.76 3.20 -19.93
CA ASN A 32 6.62 2.19 -19.33
C ASN A 32 6.60 0.87 -20.08
N GLY A 33 7.72 0.14 -20.00
CA GLY A 33 7.79 -1.22 -20.46
C GLY A 33 8.28 -2.17 -19.38
N LEU A 34 7.98 -3.45 -19.60
CA LEU A 34 8.36 -4.55 -18.74
C LEU A 34 9.40 -5.38 -19.48
N TRP A 35 10.62 -5.45 -18.92
CA TRP A 35 11.78 -6.05 -19.58
C TRP A 35 12.09 -7.40 -18.94
N LEU A 36 11.78 -8.48 -19.67
CA LEU A 36 11.93 -9.84 -19.18
C LEU A 36 12.77 -10.58 -20.20
N ASP A 37 13.85 -11.21 -19.75
CA ASP A 37 14.80 -11.86 -20.68
C ASP A 37 15.21 -10.77 -21.68
N ASP A 38 15.11 -11.01 -22.99
CA ASP A 38 15.45 -10.00 -23.98
C ASP A 38 14.24 -9.41 -24.69
N VAL A 39 13.09 -9.34 -24.03
CA VAL A 39 11.90 -8.74 -24.62
C VAL A 39 11.39 -7.69 -23.66
N VAL A 40 10.99 -6.55 -24.22
CA VAL A 40 10.28 -5.49 -23.49
C VAL A 40 8.84 -5.47 -23.97
N TYR A 41 7.91 -5.56 -23.00
CA TYR A 41 6.47 -5.61 -23.27
C TYR A 41 5.92 -4.23 -22.91
N CYS A 42 5.08 -3.65 -23.78
CA CYS A 42 4.47 -2.38 -23.46
C CYS A 42 3.18 -2.23 -24.25
N PRO A 43 2.36 -1.24 -23.90
CA PRO A 43 1.11 -1.03 -24.60
C PRO A 43 1.39 -0.57 -26.02
N ARG A 44 0.65 -1.13 -26.97
CA ARG A 44 0.93 -0.80 -28.37
C ARG A 44 0.52 0.62 -28.73
N HIS A 45 -0.30 1.29 -27.94
CA HIS A 45 -0.71 2.63 -28.33
C HIS A 45 0.42 3.65 -28.23
N VAL A 46 1.59 3.22 -27.78
CA VAL A 46 2.77 4.09 -27.82
C VAL A 46 3.10 4.50 -29.26
N ILE A 47 2.66 3.72 -30.26
CA ILE A 47 2.99 4.07 -31.65
C ILE A 47 2.00 5.03 -32.24
N CYS A 48 0.97 5.41 -31.50
CA CYS A 48 -0.05 6.27 -32.06
C CYS A 48 0.38 7.73 -32.01
N THR A 49 -0.30 8.50 -32.82
CA THR A 49 -0.22 9.96 -32.82
C THR A 49 -1.57 10.51 -32.38
N SER A 50 -1.60 11.81 -32.08
CA SER A 50 -2.87 12.45 -31.82
C SER A 50 -3.85 12.19 -32.96
N GLU A 51 -3.37 12.25 -34.20
CA GLU A 51 -4.18 12.03 -35.38
C GLU A 51 -4.41 10.55 -35.70
N ASP A 52 -3.97 9.65 -34.83
CA ASP A 52 -4.23 8.22 -34.97
C ASP A 52 -5.11 7.66 -33.86
N MET A 53 -5.36 8.44 -32.81
CA MET A 53 -5.89 7.92 -31.57
C MET A 53 -7.34 7.46 -31.66
N LEU A 54 -8.13 7.98 -32.61
CA LEU A 54 -9.56 7.70 -32.60
C LEU A 54 -9.94 6.38 -33.27
N ASN A 55 -9.19 5.97 -34.30
CA ASN A 55 -9.43 4.68 -34.96
C ASN A 55 -8.10 4.16 -35.48
N PRO A 56 -7.20 3.75 -34.58
CA PRO A 56 -5.84 3.36 -34.99
C PRO A 56 -5.82 1.97 -35.63
N ASN A 57 -5.38 1.90 -36.87
CA ASN A 57 -5.22 0.62 -37.55
C ASN A 57 -3.84 0.12 -37.17
N TYR A 58 -3.75 -0.60 -36.05
CA TYR A 58 -2.45 -0.85 -35.45
C TYR A 58 -1.53 -1.67 -36.35
N GLU A 59 -2.03 -2.70 -37.04
CA GLU A 59 -1.15 -3.43 -37.95
C GLU A 59 -0.58 -2.50 -39.01
N ASP A 60 -1.40 -1.56 -39.51
CA ASP A 60 -0.95 -0.60 -40.50
C ASP A 60 0.08 0.37 -39.90
N LEU A 61 -0.21 0.91 -38.72
CA LEU A 61 0.72 1.83 -38.07
C LEU A 61 2.03 1.12 -37.76
N LEU A 62 1.97 -0.17 -37.39
CA LEU A 62 3.15 -0.87 -36.92
C LEU A 62 4.07 -1.26 -38.06
N ILE A 63 3.51 -1.64 -39.20
CA ILE A 63 4.36 -2.02 -40.33
C ILE A 63 5.21 -0.85 -40.78
N ARG A 64 4.73 0.37 -40.56
CA ARG A 64 5.42 1.57 -40.98
C ARG A 64 6.50 1.99 -40.00
N LYS A 65 6.72 1.24 -38.93
CA LYS A 65 7.73 1.56 -37.93
C LYS A 65 8.97 0.71 -38.12
N SER A 66 10.13 1.30 -37.83
CA SER A 66 11.40 0.59 -37.77
C SER A 66 11.84 0.46 -36.31
N ASN A 67 12.74 -0.50 -36.07
CA ASN A 67 13.26 -0.67 -34.71
C ASN A 67 13.82 0.63 -34.15
N HIS A 68 14.53 1.41 -34.98
CA HIS A 68 15.16 2.62 -34.47
C HIS A 68 14.13 3.70 -34.10
N ASN A 69 12.85 3.49 -34.37
CA ASN A 69 11.83 4.44 -33.95
C ASN A 69 11.47 4.27 -32.48
N PHE A 70 11.92 3.17 -31.88
CA PHE A 70 11.63 2.87 -30.48
C PHE A 70 12.86 3.17 -29.65
N LEU A 71 12.72 4.07 -28.68
CA LEU A 71 13.77 4.40 -27.74
C LEU A 71 13.42 3.72 -26.43
N VAL A 72 14.26 2.81 -25.99
CA VAL A 72 14.07 2.05 -24.76
C VAL A 72 15.22 2.40 -23.83
N GLN A 73 14.90 2.92 -22.65
CA GLN A 73 15.92 3.26 -21.67
C GLN A 73 15.69 2.51 -20.37
N ALA A 74 16.74 1.84 -19.90
CA ALA A 74 16.76 1.21 -18.57
C ALA A 74 17.77 1.98 -17.73
N GLY A 75 17.27 2.85 -16.86
CA GLY A 75 18.17 3.71 -16.11
C GLY A 75 18.85 4.69 -17.03
N ASN A 76 20.18 4.73 -16.98
CA ASN A 76 20.93 5.60 -17.89
C ASN A 76 21.12 4.93 -19.25
N VAL A 77 21.11 3.60 -19.27
CA VAL A 77 21.49 2.84 -20.45
C VAL A 77 20.35 2.83 -21.45
N GLN A 78 20.70 2.97 -22.73
CA GLN A 78 19.76 2.74 -23.80
C GLN A 78 19.87 1.28 -24.21
N LEU A 79 18.73 0.64 -24.43
CA LEU A 79 18.68 -0.74 -24.92
C LEU A 79 18.35 -0.70 -26.40
N ARG A 80 19.15 -1.42 -27.20
CA ARG A 80 18.98 -1.37 -28.64
C ARG A 80 17.91 -2.35 -29.07
N VAL A 81 16.87 -1.84 -29.73
CA VAL A 81 15.77 -2.65 -30.25
C VAL A 81 16.22 -3.31 -31.55
N ILE A 82 16.11 -4.64 -31.59
CA ILE A 82 16.51 -5.40 -32.78
C ILE A 82 15.31 -5.98 -33.53
N GLY A 83 14.18 -6.22 -32.88
CA GLY A 83 13.00 -6.66 -33.58
C GLY A 83 11.80 -6.18 -32.82
N HIS A 84 10.65 -6.23 -33.47
CA HIS A 84 9.40 -5.83 -32.84
C HIS A 84 8.27 -6.63 -33.44
N SER A 85 7.31 -6.97 -32.59
CA SER A 85 6.09 -7.66 -33.02
C SER A 85 4.97 -7.21 -32.10
N MET A 86 3.77 -7.70 -32.39
CA MET A 86 2.58 -7.30 -31.67
C MET A 86 1.78 -8.54 -31.31
N GLN A 87 1.34 -8.62 -30.06
CA GLN A 87 0.43 -9.69 -29.64
C GLN A 87 -0.77 -9.01 -29.02
N ASN A 88 -1.89 -9.03 -29.74
CA ASN A 88 -3.07 -8.28 -29.34
C ASN A 88 -2.70 -6.82 -29.04
N CYS A 89 -2.99 -6.31 -27.84
CA CYS A 89 -2.75 -4.90 -27.58
C CYS A 89 -1.39 -4.62 -26.95
N VAL A 90 -0.48 -5.60 -26.93
CA VAL A 90 0.84 -5.45 -26.36
CA VAL A 90 0.85 -5.40 -26.37
C VAL A 90 1.89 -5.51 -27.47
N LEU A 91 2.80 -4.55 -27.46
CA LEU A 91 3.98 -4.55 -28.31
C LEU A 91 5.11 -5.30 -27.62
N LYS A 92 5.83 -6.10 -28.39
CA LYS A 92 6.94 -6.88 -27.88
C LYS A 92 8.21 -6.43 -28.59
N LEU A 93 9.10 -5.77 -27.87
CA LEU A 93 10.31 -5.21 -28.45
C LEU A 93 11.48 -6.12 -28.08
N LYS A 94 12.08 -6.76 -29.07
CA LYS A 94 13.26 -7.56 -28.81
C LYS A 94 14.45 -6.63 -28.70
N VAL A 95 15.27 -6.84 -27.69
CA VAL A 95 16.41 -5.99 -27.45
C VAL A 95 17.66 -6.85 -27.42
N ASP A 96 18.80 -6.21 -27.65
CA ASP A 96 20.07 -6.92 -27.72
C ASP A 96 20.61 -7.33 -26.37
N THR A 97 19.86 -7.14 -25.27
CA THR A 97 20.40 -7.47 -23.96
C THR A 97 19.31 -8.12 -23.13
N ALA A 98 19.62 -9.29 -22.59
CA ALA A 98 18.71 -9.92 -21.65
C ALA A 98 18.81 -9.19 -20.31
N ASN A 99 17.65 -8.94 -19.71
CA ASN A 99 17.61 -8.30 -18.40
C ASN A 99 18.23 -9.21 -17.36
N PRO A 100 19.32 -8.82 -16.72
CA PRO A 100 19.96 -9.73 -15.77
C PRO A 100 19.18 -9.92 -14.49
N LYS A 101 18.23 -9.04 -14.19
CA LYS A 101 17.40 -9.15 -13.00
C LYS A 101 16.04 -9.80 -13.26
N THR A 102 15.86 -10.42 -14.42
CA THR A 102 14.61 -11.12 -14.71
C THR A 102 14.28 -12.11 -13.59
N PRO A 103 13.11 -12.04 -12.99
CA PRO A 103 12.74 -13.03 -12.00
C PRO A 103 12.16 -14.28 -12.67
N LYS A 104 12.00 -15.31 -11.85
CA LYS A 104 11.12 -16.41 -12.22
C LYS A 104 9.72 -15.84 -12.38
N TYR A 105 9.05 -16.16 -13.49
CA TYR A 105 7.78 -15.47 -13.75
C TYR A 105 6.86 -16.30 -14.62
N LYS A 106 5.60 -15.90 -14.62
CA LYS A 106 4.55 -16.50 -15.43
C LYS A 106 3.58 -15.40 -15.80
N PHE A 107 2.86 -15.60 -16.90
CA PHE A 107 1.79 -14.70 -17.29
C PHE A 107 0.47 -15.41 -17.00
N VAL A 108 -0.39 -14.76 -16.23
CA VAL A 108 -1.70 -15.33 -15.92
C VAL A 108 -2.78 -14.32 -16.24
N ARG A 109 -3.96 -14.84 -16.54
CA ARG A 109 -5.15 -14.04 -16.68
C ARG A 109 -5.99 -14.24 -15.43
N ILE A 110 -6.23 -13.18 -14.70
CA ILE A 110 -6.87 -13.22 -13.40
C ILE A 110 -8.38 -13.21 -13.59
N GLN A 111 -9.07 -13.77 -12.62
CA GLN A 111 -10.52 -13.84 -12.58
C GLN A 111 -11.10 -12.62 -11.87
N PRO A 112 -12.29 -12.19 -12.26
CA PRO A 112 -12.91 -11.11 -11.50
C PRO A 112 -13.10 -11.53 -10.05
N GLY A 113 -12.85 -10.59 -9.15
CA GLY A 113 -12.86 -10.86 -7.73
C GLY A 113 -11.50 -11.14 -7.14
N GLN A 114 -10.52 -11.48 -7.96
CA GLN A 114 -9.17 -11.74 -7.49
C GLN A 114 -8.39 -10.44 -7.35
N THR A 115 -7.40 -10.45 -6.48
CA THR A 115 -6.61 -9.27 -6.18
C THR A 115 -5.19 -9.41 -6.72
N PHE A 116 -4.53 -8.27 -6.83
CA PHE A 116 -3.15 -8.24 -7.29
C PHE A 116 -2.54 -6.94 -6.84
N SER A 117 -1.23 -6.91 -6.85
CA SER A 117 -0.51 -5.70 -6.54
C SER A 117 -0.20 -4.93 -7.80
N VAL A 118 -0.30 -3.61 -7.72
CA VAL A 118 0.05 -2.71 -8.82
C VAL A 118 1.33 -1.95 -8.48
N LEU A 119 2.30 -1.96 -9.40
CA LEU A 119 3.48 -1.09 -9.30
C LEU A 119 3.30 0.06 -10.28
N ALA A 120 2.90 1.21 -9.76
CA ALA A 120 2.68 2.35 -10.61
C ALA A 120 4.01 2.99 -10.91
N CYS A 121 4.23 3.28 -12.20
CA CYS A 121 5.49 3.76 -12.71
C CYS A 121 5.25 4.95 -13.64
N TYR A 122 6.26 5.81 -13.70
CA TYR A 122 6.29 6.95 -14.61
C TYR A 122 7.69 7.09 -15.16
N ASN A 123 7.80 7.22 -16.48
CA ASN A 123 9.11 7.35 -17.13
C ASN A 123 10.04 6.21 -16.74
N GLY A 124 9.48 5.01 -16.66
CA GLY A 124 10.26 3.84 -16.34
C GLY A 124 10.69 3.73 -14.90
N SER A 125 10.29 4.66 -14.05
CA SER A 125 10.67 4.68 -12.64
C SER A 125 9.49 4.36 -11.74
N PRO A 126 9.64 3.37 -10.87
CA PRO A 126 8.56 2.99 -9.96
C PRO A 126 8.26 4.11 -8.96
N SER A 127 6.96 4.36 -8.72
CA SER A 127 6.52 5.43 -7.86
C SER A 127 5.69 4.98 -6.67
N GLY A 128 4.89 3.91 -6.81
CA GLY A 128 4.08 3.46 -5.69
C GLY A 128 3.57 2.05 -5.91
N VAL A 129 3.17 1.42 -4.80
CA VAL A 129 2.67 0.06 -4.85
C VAL A 129 1.40 -0.05 -4.02
N TYR A 130 0.40 -0.74 -4.55
CA TYR A 130 -0.88 -0.84 -3.88
C TYR A 130 -1.66 -2.02 -4.42
N GLN A 131 -2.60 -2.48 -3.62
CA GLN A 131 -3.44 -3.61 -3.94
C GLN A 131 -4.73 -3.18 -4.65
N CYS A 132 -5.10 -3.92 -5.69
CA CYS A 132 -6.31 -3.71 -6.51
C CYS A 132 -7.04 -5.04 -6.62
N ALA A 133 -8.32 -4.99 -6.95
CA ALA A 133 -9.06 -6.19 -7.32
C ALA A 133 -9.56 -6.02 -8.75
N MET A 134 -9.61 -7.13 -9.47
CA MET A 134 -10.28 -7.12 -10.77
C MET A 134 -11.79 -7.06 -10.53
N ARG A 135 -12.45 -5.98 -10.95
CA ARG A 135 -13.87 -5.81 -10.63
C ARG A 135 -14.72 -6.77 -11.46
N PRO A 136 -15.92 -7.11 -10.99
CA PRO A 136 -16.79 -7.97 -11.78
C PRO A 136 -17.06 -7.42 -13.17
N ASN A 137 -17.07 -6.10 -13.36
CA ASN A 137 -17.21 -5.50 -14.67
C ASN A 137 -15.88 -5.28 -15.39
N PHE A 138 -14.79 -5.86 -14.85
CA PHE A 138 -13.48 -5.91 -15.48
C PHE A 138 -12.80 -4.56 -15.55
N THR A 139 -13.19 -3.63 -14.71
CA THR A 139 -12.37 -2.45 -14.44
C THR A 139 -11.56 -2.69 -13.17
N ILE A 140 -10.62 -1.79 -12.91
CA ILE A 140 -9.91 -1.76 -11.64
C ILE A 140 -9.94 -0.34 -11.12
N LYS A 141 -10.08 -0.20 -9.80
CA LYS A 141 -10.13 1.10 -9.17
C LYS A 141 -8.70 1.43 -8.77
N GLY A 142 -7.95 1.95 -9.73
CA GLY A 142 -6.55 2.20 -9.57
C GLY A 142 -6.28 3.66 -9.29
N SER A 143 -4.99 3.96 -9.20
CA SER A 143 -4.47 5.31 -9.05
C SER A 143 -3.40 5.40 -10.13
N PHE A 144 -3.77 6.02 -11.24
CA PHE A 144 -2.94 6.08 -12.42
C PHE A 144 -3.09 7.45 -13.06
N LEU A 145 -1.98 8.07 -13.38
CA LEU A 145 -1.96 9.40 -13.96
C LEU A 145 -1.38 9.33 -15.37
N ASN A 146 -1.31 10.48 -16.04
CA ASN A 146 -0.62 10.55 -17.31
C ASN A 146 0.76 9.92 -17.20
N GLY A 147 1.11 9.11 -18.20
CA GLY A 147 2.40 8.45 -18.26
C GLY A 147 2.49 7.13 -17.53
N SER A 148 1.41 6.69 -16.90
CA SER A 148 1.42 5.44 -16.15
C SER A 148 1.26 4.19 -16.99
N CYS A 149 0.91 4.32 -18.28
CA CYS A 149 0.66 3.13 -19.08
C CYS A 149 1.89 2.24 -19.12
N GLY A 150 1.64 0.94 -19.14
CA GLY A 150 2.71 -0.03 -19.04
C GLY A 150 3.06 -0.42 -17.62
N SER A 151 2.56 0.30 -16.62
CA SER A 151 2.59 -0.22 -15.26
C SER A 151 1.91 -1.58 -15.22
N VAL A 152 2.39 -2.45 -14.33
CA VAL A 152 1.88 -3.82 -14.31
C VAL A 152 1.34 -4.17 -12.94
N GLY A 153 0.47 -5.17 -12.97
CA GLY A 153 -0.07 -5.80 -11.77
C GLY A 153 0.40 -7.24 -11.66
N PHE A 154 0.57 -7.71 -10.41
CA PHE A 154 1.20 -9.00 -10.22
C PHE A 154 0.85 -9.58 -8.86
N ASN A 155 1.08 -10.89 -8.76
CA ASN A 155 1.11 -11.61 -7.50
C ASN A 155 2.42 -12.34 -7.39
N ILE A 156 2.82 -12.69 -6.17
CA ILE A 156 4.05 -13.44 -5.96
C ILE A 156 3.72 -14.68 -5.15
N ASP A 157 4.10 -15.85 -5.67
CA ASP A 157 3.93 -17.12 -5.00
C ASP A 157 5.29 -17.79 -4.99
N TYR A 158 5.89 -17.94 -3.80
CA TYR A 158 7.24 -18.46 -3.70
C TYR A 158 8.20 -17.49 -4.38
N ASP A 159 9.04 -17.98 -5.28
CA ASP A 159 9.98 -17.13 -5.98
C ASP A 159 9.41 -16.57 -7.28
N CYS A 160 8.15 -16.87 -7.60
CA CYS A 160 7.61 -16.66 -8.94
C CYS A 160 6.66 -15.46 -8.96
N VAL A 161 6.94 -14.54 -9.86
CA VAL A 161 6.09 -13.38 -10.10
C VAL A 161 5.10 -13.76 -11.19
N SER A 162 3.81 -13.68 -10.87
CA SER A 162 2.76 -13.93 -11.83
C SER A 162 2.18 -12.57 -12.26
N PHE A 163 2.52 -12.15 -13.45
CA PHE A 163 2.02 -10.90 -14.02
C PHE A 163 0.64 -11.13 -14.59
N CYS A 164 -0.30 -10.28 -14.20
CA CYS A 164 -1.67 -10.45 -14.63
C CYS A 164 -2.27 -9.21 -15.29
N TYR A 165 -1.61 -8.05 -15.21
CA TYR A 165 -2.25 -6.81 -15.65
C TYR A 165 -1.19 -5.87 -16.21
N MET A 166 -1.51 -5.21 -17.33
CA MET A 166 -0.74 -4.09 -17.84
C MET A 166 -1.69 -2.93 -18.11
N HIS A 167 -1.31 -1.73 -17.67
CA HIS A 167 -2.22 -0.58 -17.70
C HIS A 167 -2.26 0.13 -19.06
N HIS A 168 -3.50 0.39 -19.55
CA HIS A 168 -3.73 1.12 -20.82
C HIS A 168 -4.60 2.37 -20.76
N MET A 169 -5.61 2.49 -19.89
CA MET A 169 -6.54 3.60 -20.05
C MET A 169 -7.30 3.93 -18.76
N GLU A 170 -7.81 5.16 -18.71
CA GLU A 170 -8.69 5.61 -17.65
C GLU A 170 -10.04 5.97 -18.25
N LEU A 171 -11.10 5.38 -17.73
CA LEU A 171 -12.45 5.65 -18.19
C LEU A 171 -12.93 6.98 -17.64
N PRO A 172 -13.93 7.59 -18.27
CA PRO A 172 -14.40 8.90 -17.79
C PRO A 172 -14.82 8.90 -16.32
N THR A 173 -15.26 7.76 -15.80
CA THR A 173 -15.66 7.68 -14.39
C THR A 173 -14.49 7.66 -13.43
N GLY A 174 -13.27 7.54 -13.94
CA GLY A 174 -12.10 7.50 -13.07
C GLY A 174 -11.61 6.12 -12.72
N VAL A 175 -12.28 5.06 -13.17
CA VAL A 175 -11.75 3.72 -13.01
C VAL A 175 -10.86 3.42 -14.22
N HIS A 176 -10.23 2.25 -14.19
CA HIS A 176 -9.13 1.94 -15.09
C HIS A 176 -9.33 0.62 -15.83
N ALA A 177 -8.71 0.56 -17.01
CA ALA A 177 -8.82 -0.61 -17.86
C ALA A 177 -7.46 -0.96 -18.47
N GLY A 178 -7.25 -2.25 -18.69
CA GLY A 178 -5.99 -2.75 -19.19
C GLY A 178 -6.13 -4.18 -19.64
N THR A 179 -4.97 -4.79 -19.92
CA THR A 179 -4.90 -6.10 -20.53
C THR A 179 -4.12 -7.06 -19.64
N ASP A 180 -4.18 -8.33 -19.99
CA ASP A 180 -3.20 -9.28 -19.49
C ASP A 180 -1.91 -9.13 -20.32
N LEU A 181 -0.92 -9.95 -20.00
CA LEU A 181 0.36 -9.76 -20.68
C LEU A 181 0.40 -10.48 -22.02
N GLU A 182 -0.69 -11.14 -22.40
CA GLU A 182 -0.92 -11.52 -23.79
C GLU A 182 -1.62 -10.43 -24.58
N GLY A 183 -1.89 -9.29 -23.96
CA GLY A 183 -2.44 -8.17 -24.69
C GLY A 183 -3.95 -8.15 -24.88
N ASN A 184 -4.68 -9.06 -24.22
CA ASN A 184 -6.14 -9.07 -24.31
C ASN A 184 -6.71 -8.23 -23.19
N PHE A 185 -7.57 -7.28 -23.55
CA PHE A 185 -8.24 -6.51 -22.50
C PHE A 185 -9.06 -7.40 -21.58
N TYR A 186 -9.08 -7.00 -20.32
CA TYR A 186 -10.16 -7.36 -19.40
C TYR A 186 -11.34 -6.46 -19.71
N GLY A 187 -12.48 -7.09 -20.02
CA GLY A 187 -13.69 -6.35 -20.30
C GLY A 187 -13.81 -5.87 -21.73
N PRO A 188 -14.87 -5.13 -21.99
CA PRO A 188 -15.27 -4.79 -23.37
C PRO A 188 -14.61 -3.54 -23.91
N PHE A 189 -13.38 -3.27 -23.49
CA PHE A 189 -12.74 -2.00 -23.79
C PHE A 189 -11.82 -2.15 -24.98
N VAL A 190 -11.45 -1.01 -25.54
CA VAL A 190 -10.70 -0.95 -26.78
C VAL A 190 -9.66 0.15 -26.65
N ASP A 191 -8.46 -0.09 -27.13
CA ASP A 191 -7.42 0.93 -27.04
C ASP A 191 -7.55 1.93 -28.19
N ARG A 192 -8.64 2.70 -28.13
CA ARG A 192 -8.81 3.88 -28.97
C ARG A 192 -9.22 5.02 -28.06
N GLN A 193 -8.91 6.26 -28.47
CA GLN A 193 -9.11 7.43 -27.62
C GLN A 193 -10.56 7.90 -27.68
N THR A 194 -11.43 7.13 -27.02
CA THR A 194 -12.86 7.39 -26.91
C THR A 194 -13.31 7.27 -25.47
N ALA A 195 -14.42 7.94 -25.16
CA ALA A 195 -15.05 7.80 -23.86
C ALA A 195 -15.82 6.49 -23.83
N GLN A 196 -15.41 5.59 -22.94
CA GLN A 196 -15.97 4.26 -22.83
C GLN A 196 -16.57 4.01 -21.46
N ALA A 197 -17.79 3.52 -21.43
CA ALA A 197 -18.48 3.13 -20.22
C ALA A 197 -18.31 1.63 -20.00
N ALA A 198 -18.31 1.23 -18.73
CA ALA A 198 -18.24 -0.15 -18.34
C ALA A 198 -19.64 -0.69 -18.07
N GLY A 199 -19.74 -2.01 -17.98
CA GLY A 199 -20.99 -2.58 -17.51
C GLY A 199 -21.22 -2.21 -16.07
N THR A 200 -22.45 -2.45 -15.63
CA THR A 200 -22.81 -2.16 -14.25
C THR A 200 -21.92 -2.94 -13.31
N ASP A 201 -21.26 -2.24 -12.40
CA ASP A 201 -20.43 -3.00 -11.51
C ASP A 201 -21.28 -3.60 -10.42
N THR A 202 -20.75 -4.65 -9.86
CA THR A 202 -21.36 -5.34 -8.74
C THR A 202 -20.31 -5.50 -7.65
N THR A 203 -20.79 -5.82 -6.48
CA THR A 203 -19.93 -6.01 -5.32
C THR A 203 -19.51 -7.48 -5.19
N ILE A 204 -18.25 -7.70 -4.82
CA ILE A 204 -17.66 -9.04 -4.77
C ILE A 204 -18.03 -9.66 -3.42
N THR A 205 -19.08 -10.47 -3.43
CA THR A 205 -19.71 -10.91 -2.18
C THR A 205 -18.77 -11.76 -1.35
N VAL A 206 -18.12 -12.72 -1.99
CA VAL A 206 -17.25 -13.61 -1.21
C VAL A 206 -16.19 -12.81 -0.49
N ASN A 207 -15.75 -11.71 -1.08
CA ASN A 207 -14.74 -10.85 -0.46
C ASN A 207 -15.33 -10.05 0.70
N VAL A 208 -16.55 -9.54 0.52
CA VAL A 208 -17.19 -8.87 1.66
C VAL A 208 -17.28 -9.81 2.84
N LEU A 209 -17.65 -11.05 2.58
CA LEU A 209 -17.78 -12.01 3.68
C LEU A 209 -16.41 -12.27 4.33
N ALA A 210 -15.36 -12.38 3.52
CA ALA A 210 -14.02 -12.57 4.09
C ALA A 210 -13.65 -11.42 5.01
N TRP A 211 -13.97 -10.20 4.61
CA TRP A 211 -13.65 -9.01 5.39
C TRP A 211 -14.49 -8.93 6.67
N LEU A 212 -15.73 -9.39 6.63
CA LEU A 212 -16.50 -9.47 7.87
C LEU A 212 -15.86 -10.45 8.83
N TYR A 213 -15.45 -11.61 8.34
CA TYR A 213 -14.73 -12.57 9.17
C TYR A 213 -13.47 -11.93 9.77
N ALA A 214 -12.73 -11.18 8.96
CA ALA A 214 -11.58 -10.45 9.48
C ALA A 214 -11.99 -9.50 10.61
N ALA A 215 -13.07 -8.75 10.41
CA ALA A 215 -13.51 -7.83 11.45
C ALA A 215 -13.82 -8.57 12.75
N VAL A 216 -14.30 -9.81 12.62
CA VAL A 216 -14.53 -10.65 13.80
C VAL A 216 -13.19 -11.12 14.38
N ILE A 217 -12.32 -11.68 13.54
CA ILE A 217 -11.02 -12.16 14.01
C ILE A 217 -10.27 -11.10 14.80
N ASN A 218 -10.47 -9.82 14.46
CA ASN A 218 -9.94 -8.71 15.25
C ASN A 218 -10.93 -8.24 16.31
N GLY A 219 -11.75 -9.14 16.81
CA GLY A 219 -12.60 -8.84 17.96
C GLY A 219 -13.67 -7.80 17.73
N ASP A 220 -14.30 -7.80 16.55
CA ASP A 220 -15.41 -6.89 16.29
C ASP A 220 -16.60 -7.73 15.83
N ARG A 221 -17.72 -7.62 16.54
CA ARG A 221 -18.85 -8.51 16.31
C ARG A 221 -20.20 -7.80 16.26
N TRP A 222 -20.23 -6.47 16.26
CA TRP A 222 -21.50 -5.78 16.43
C TRP A 222 -22.50 -6.10 15.33
N PHE A 223 -22.03 -6.56 14.17
CA PHE A 223 -22.90 -6.86 13.02
C PHE A 223 -23.38 -8.30 12.98
N LEU A 224 -22.83 -9.20 13.80
CA LEU A 224 -23.33 -10.57 13.84
C LEU A 224 -24.77 -10.62 14.36
N ASN A 225 -25.44 -11.75 14.11
CA ASN A 225 -26.80 -11.91 14.59
C ASN A 225 -27.10 -13.39 14.76
N ARG A 226 -28.19 -13.67 15.47
CA ARG A 226 -28.57 -15.03 15.85
C ARG A 226 -29.16 -15.84 14.71
N PHE A 227 -29.25 -15.27 13.52
CA PHE A 227 -30.05 -15.82 12.43
C PHE A 227 -29.19 -16.53 11.40
N THR A 228 -29.87 -17.26 10.52
CA THR A 228 -29.25 -17.94 9.40
C THR A 228 -30.12 -17.74 8.17
N THR A 229 -29.63 -18.21 7.03
CA THR A 229 -30.32 -18.07 5.75
C THR A 229 -29.94 -19.26 4.90
N THR A 230 -30.78 -19.55 3.91
CA THR A 230 -30.33 -20.50 2.91
C THR A 230 -29.46 -19.79 1.89
N LEU A 231 -28.71 -20.58 1.14
CA LEU A 231 -27.83 -20.02 0.13
C LEU A 231 -28.65 -19.30 -0.92
N ASN A 232 -29.75 -19.92 -1.36
CA ASN A 232 -30.54 -19.31 -2.42
C ASN A 232 -31.24 -18.05 -1.96
N ASP A 233 -31.78 -18.05 -0.75
CA ASP A 233 -32.46 -16.83 -0.29
C ASP A 233 -31.47 -15.71 -0.10
N PHE A 234 -30.26 -16.03 0.34
CA PHE A 234 -29.24 -15.00 0.40
C PHE A 234 -28.97 -14.43 -0.99
N ASN A 235 -28.83 -15.31 -1.99
CA ASN A 235 -28.48 -14.86 -3.33
C ASN A 235 -29.59 -14.04 -3.93
N LEU A 236 -30.85 -14.31 -3.58
CA LEU A 236 -31.93 -13.46 -4.04
C LEU A 236 -31.74 -12.04 -3.53
N VAL A 237 -31.43 -11.90 -2.25
CA VAL A 237 -31.23 -10.57 -1.67
C VAL A 237 -29.95 -9.95 -2.23
N ALA A 238 -28.88 -10.73 -2.34
CA ALA A 238 -27.63 -10.22 -2.89
C ALA A 238 -27.83 -9.60 -4.28
N MET A 239 -28.45 -10.36 -5.18
CA MET A 239 -28.66 -9.86 -6.53
C MET A 239 -29.49 -8.60 -6.51
N LYS A 240 -30.45 -8.50 -5.59
CA LYS A 240 -31.27 -7.28 -5.50
C LYS A 240 -30.42 -6.06 -5.22
N TYR A 241 -29.35 -6.21 -4.44
CA TYR A 241 -28.47 -5.11 -4.05
C TYR A 241 -27.23 -5.02 -4.94
N ASN A 242 -27.26 -5.67 -6.10
CA ASN A 242 -26.14 -5.68 -7.04
C ASN A 242 -24.88 -6.26 -6.41
N TYR A 243 -25.05 -7.29 -5.60
CA TYR A 243 -23.97 -8.16 -5.16
C TYR A 243 -23.88 -9.40 -6.04
N GLU A 244 -22.66 -9.89 -6.24
CA GLU A 244 -22.47 -11.10 -7.01
C GLU A 244 -23.10 -12.29 -6.28
N PRO A 245 -23.62 -13.26 -7.02
CA PRO A 245 -24.05 -14.50 -6.36
C PRO A 245 -22.90 -15.19 -5.67
N LEU A 246 -23.21 -15.83 -4.56
CA LEU A 246 -22.27 -16.66 -3.82
C LEU A 246 -22.48 -18.11 -4.25
N THR A 247 -21.41 -18.76 -4.69
CA THR A 247 -21.46 -20.14 -5.13
C THR A 247 -21.05 -21.07 -3.99
N GLN A 248 -21.31 -22.35 -4.19
CA GLN A 248 -20.88 -23.34 -3.19
C GLN A 248 -19.35 -23.37 -3.08
N ASP A 249 -18.63 -23.19 -4.19
CA ASP A 249 -17.18 -23.08 -4.11
C ASP A 249 -16.77 -21.95 -3.18
N HIS A 250 -17.40 -20.78 -3.33
CA HIS A 250 -17.16 -19.68 -2.38
C HIS A 250 -17.39 -20.12 -0.96
N VAL A 251 -18.48 -20.83 -0.71
CA VAL A 251 -18.74 -21.26 0.67
C VAL A 251 -17.61 -22.16 1.15
N ASP A 252 -17.16 -23.06 0.29
CA ASP A 252 -16.05 -23.94 0.63
C ASP A 252 -14.78 -23.13 0.87
N ILE A 253 -14.51 -22.16 -0.01
CA ILE A 253 -13.31 -21.34 0.11
C ILE A 253 -13.29 -20.61 1.43
N LEU A 254 -14.46 -20.32 2.00
CA LEU A 254 -14.57 -19.56 3.24
C LEU A 254 -14.51 -20.45 4.48
N GLY A 255 -14.38 -21.76 4.29
CA GLY A 255 -14.35 -22.70 5.38
C GLY A 255 -13.33 -22.33 6.45
N PRO A 256 -12.05 -22.25 6.07
CA PRO A 256 -11.02 -21.95 7.08
C PRO A 256 -11.40 -20.77 7.95
N LEU A 257 -11.87 -19.67 7.36
CA LEU A 257 -12.31 -18.54 8.17
C LEU A 257 -13.51 -18.94 9.02
N SER A 258 -14.37 -19.79 8.50
CA SER A 258 -15.53 -20.22 9.27
C SER A 258 -15.08 -21.04 10.47
N ALA A 259 -14.25 -22.05 10.24
CA ALA A 259 -13.72 -22.85 11.35
C ALA A 259 -13.03 -21.95 12.36
N GLN A 260 -12.17 -21.05 11.89
CA GLN A 260 -11.37 -20.23 12.79
C GLN A 260 -12.23 -19.42 13.75
N THR A 261 -13.41 -19.00 13.31
CA THR A 261 -14.33 -18.23 14.14
C THR A 261 -15.49 -19.06 14.65
N GLY A 262 -15.66 -20.28 14.15
CA GLY A 262 -16.85 -21.05 14.47
C GLY A 262 -18.12 -20.33 14.06
N ILE A 263 -18.07 -19.54 13.01
CA ILE A 263 -19.24 -18.89 12.44
C ILE A 263 -19.49 -19.52 11.09
N ALA A 264 -20.61 -20.22 10.95
CA ALA A 264 -20.91 -20.87 9.69
C ALA A 264 -21.07 -19.81 8.59
N VAL A 265 -20.73 -20.20 7.38
CA VAL A 265 -20.76 -19.25 6.28
C VAL A 265 -22.16 -18.65 6.15
N LEU A 266 -23.19 -19.50 6.21
CA LEU A 266 -24.54 -18.99 6.01
C LEU A 266 -25.01 -18.14 7.18
N ASP A 267 -24.43 -18.32 8.37
CA ASP A 267 -24.64 -17.36 9.44
C ASP A 267 -24.09 -15.97 9.08
N MET A 268 -22.86 -15.92 8.55
CA MET A 268 -22.32 -14.62 8.13
C MET A 268 -23.10 -14.04 6.96
N CYS A 269 -23.65 -14.89 6.08
CA CYS A 269 -24.53 -14.38 5.03
C CYS A 269 -25.76 -13.70 5.62
N ALA A 270 -26.30 -14.26 6.71
CA ALA A 270 -27.44 -13.64 7.37
C ALA A 270 -27.05 -12.29 7.97
N SER A 271 -25.81 -12.16 8.47
CA SER A 271 -25.33 -10.88 8.96
C SER A 271 -25.21 -9.87 7.83
N LEU A 272 -24.58 -10.27 6.72
CA LEU A 272 -24.48 -9.36 5.59
C LEU A 272 -25.86 -9.00 5.07
N LYS A 273 -26.77 -9.96 5.02
CA LYS A 273 -28.13 -9.63 4.60
C LYS A 273 -28.69 -8.53 5.48
N GLU A 274 -28.49 -8.65 6.81
CA GLU A 274 -28.96 -7.63 7.74
C GLU A 274 -28.29 -6.29 7.45
N LEU A 275 -26.98 -6.30 7.21
CA LEU A 275 -26.30 -5.05 6.92
C LEU A 275 -26.82 -4.42 5.63
N LEU A 276 -27.11 -5.22 4.61
CA LEU A 276 -27.59 -4.67 3.36
C LEU A 276 -28.97 -4.04 3.52
N GLN A 277 -29.83 -4.66 4.31
CA GLN A 277 -31.22 -4.19 4.39
C GLN A 277 -31.35 -3.03 5.38
N ASN A 278 -30.75 -3.18 6.56
CA ASN A 278 -30.77 -2.11 7.55
C ASN A 278 -29.80 -0.99 7.15
N GLY A 279 -28.56 -1.35 6.94
CA GLY A 279 -27.46 -0.41 6.84
C GLY A 279 -26.54 -0.56 8.03
N MET A 280 -25.50 0.26 8.04
CA MET A 280 -24.60 0.28 9.17
C MET A 280 -25.06 1.25 10.24
N ASN A 281 -26.06 2.08 9.94
CA ASN A 281 -26.70 2.97 10.91
C ASN A 281 -25.64 3.72 11.74
N GLY A 282 -24.76 4.40 11.02
CA GLY A 282 -23.70 5.19 11.62
C GLY A 282 -22.44 4.42 11.92
N ARG A 283 -22.59 3.18 12.38
CA ARG A 283 -21.45 2.37 12.78
C ARG A 283 -20.43 2.24 11.65
N THR A 284 -19.25 1.71 11.99
CA THR A 284 -18.20 1.44 11.02
C THR A 284 -17.61 0.08 11.34
N ILE A 285 -17.02 -0.53 10.33
CA ILE A 285 -16.42 -1.84 10.45
C ILE A 285 -14.98 -1.73 9.96
N LEU A 286 -14.04 -2.27 10.75
CA LEU A 286 -12.60 -2.12 10.56
C LEU A 286 -12.25 -0.74 10.03
N GLY A 287 -12.93 0.28 10.56
CA GLY A 287 -12.64 1.67 10.23
C GLY A 287 -13.46 2.23 9.10
N SER A 288 -14.20 1.40 8.36
CA SER A 288 -14.86 1.82 7.14
C SER A 288 -16.35 2.06 7.35
N ALA A 289 -16.85 3.14 6.77
CA ALA A 289 -18.28 3.36 6.66
C ALA A 289 -18.93 2.50 5.59
N LEU A 290 -18.14 1.80 4.77
CA LEU A 290 -18.68 1.05 3.67
C LEU A 290 -18.21 -0.39 3.77
N LEU A 291 -18.96 -1.28 3.16
CA LEU A 291 -18.55 -2.67 3.09
C LEU A 291 -17.41 -2.80 2.07
N GLU A 292 -16.33 -3.42 2.49
CA GLU A 292 -15.12 -3.54 1.69
C GLU A 292 -15.14 -4.87 0.93
N ASP A 293 -14.85 -4.82 -0.38
CA ASP A 293 -14.92 -6.04 -1.19
C ASP A 293 -13.63 -6.33 -1.96
N GLU A 294 -12.49 -5.74 -1.58
CA GLU A 294 -11.26 -6.06 -2.27
C GLU A 294 -10.23 -6.79 -1.39
N PHE A 295 -10.72 -7.55 -0.41
CA PHE A 295 -9.92 -8.58 0.26
C PHE A 295 -10.48 -9.95 -0.07
N THR A 296 -9.65 -10.80 -0.59
CA THR A 296 -10.08 -12.16 -0.84
C THR A 296 -9.95 -13.01 0.43
N PRO A 297 -10.58 -14.18 0.45
CA PRO A 297 -10.35 -15.09 1.58
C PRO A 297 -8.88 -15.42 1.79
N PHE A 298 -8.11 -15.64 0.71
CA PHE A 298 -6.68 -15.89 0.86
C PHE A 298 -5.97 -14.69 1.47
N ASP A 299 -6.23 -13.49 0.94
CA ASP A 299 -5.64 -12.29 1.50
C ASP A 299 -5.88 -12.20 2.99
N VAL A 300 -7.09 -12.56 3.43
CA VAL A 300 -7.42 -12.49 4.85
C VAL A 300 -6.62 -13.53 5.62
N VAL A 301 -6.56 -14.75 5.09
CA VAL A 301 -5.96 -15.85 5.84
C VAL A 301 -4.45 -15.68 5.92
N ARG A 302 -3.82 -15.20 4.84
CA ARG A 302 -2.37 -14.98 4.86
C ARG A 302 -1.96 -13.92 5.86
N GLN A 303 -2.91 -13.32 6.58
CA GLN A 303 -2.63 -12.19 7.44
C GLN A 303 -3.38 -12.30 8.77
N CYS A 304 -4.08 -13.41 9.02
CA CYS A 304 -4.85 -13.58 10.25
C CYS A 304 -4.72 -15.01 10.76
N SER B 5 -13.42 8.35 -2.23
CA SER B 5 -13.14 7.68 -3.53
C SER B 5 -12.18 8.53 -4.37
N GLY B 6 -11.31 7.87 -5.13
CA GLY B 6 -10.27 8.50 -5.90
C GLY B 6 -8.90 8.36 -5.27
N PHE B 7 -8.84 8.28 -3.94
CA PHE B 7 -7.60 8.24 -3.18
C PHE B 7 -7.47 6.88 -2.51
N ARG B 8 -6.23 6.44 -2.33
CA ARG B 8 -5.97 5.18 -1.65
C ARG B 8 -4.59 5.25 -1.02
N LYS B 9 -4.38 4.40 -0.02
CA LYS B 9 -3.06 4.26 0.57
C LYS B 9 -2.13 3.60 -0.44
N MET B 10 -1.04 4.29 -0.72
CA MET B 10 -0.02 3.87 -1.68
C MET B 10 1.31 3.83 -0.94
N ALA B 11 1.98 2.68 -0.97
CA ALA B 11 3.29 2.54 -0.38
C ALA B 11 4.37 2.93 -1.38
N PHE B 12 5.57 3.21 -0.87
CA PHE B 12 6.70 3.36 -1.78
C PHE B 12 7.16 2.00 -2.26
N PRO B 13 7.73 1.92 -3.46
CA PRO B 13 8.32 0.65 -3.91
C PRO B 13 9.35 0.19 -2.90
N SER B 14 9.31 -1.08 -2.61
CA SER B 14 10.04 -1.60 -1.47
C SER B 14 11.40 -2.18 -1.81
N GLY B 15 11.78 -2.21 -3.09
CA GLY B 15 12.97 -2.97 -3.45
C GLY B 15 14.24 -2.51 -2.76
N LYS B 16 14.46 -1.20 -2.68
CA LYS B 16 15.67 -0.71 -2.03
C LYS B 16 15.77 -1.16 -0.59
N VAL B 17 14.64 -1.35 0.09
CA VAL B 17 14.65 -1.81 1.47
C VAL B 17 14.74 -3.33 1.55
N GLU B 18 14.11 -4.05 0.61
CA GLU B 18 14.23 -5.50 0.56
C GLU B 18 15.68 -5.91 0.55
N GLY B 19 16.51 -5.18 -0.18
CA GLY B 19 17.92 -5.47 -0.34
C GLY B 19 18.73 -5.24 0.91
N CYS B 20 18.11 -4.76 1.97
CA CYS B 20 18.78 -4.50 3.23
C CYS B 20 18.29 -5.39 4.34
N MET B 21 17.33 -6.28 4.12
CA MET B 21 16.75 -7.03 5.23
C MET B 21 17.56 -8.30 5.47
N VAL B 22 17.86 -8.57 6.74
CA VAL B 22 18.51 -9.80 7.18
C VAL B 22 17.77 -10.34 8.40
N GLN B 23 18.15 -11.53 8.83
CA GLN B 23 17.65 -12.04 10.10
C GLN B 23 18.77 -12.09 11.12
N VAL B 24 18.38 -11.93 12.37
CA VAL B 24 19.32 -11.93 13.49
C VAL B 24 18.75 -12.87 14.54
N THR B 25 19.57 -13.81 15.00
CA THR B 25 19.15 -14.79 15.98
C THR B 25 20.15 -14.82 17.14
N CYS B 26 19.58 -14.93 18.34
CA CYS B 26 20.36 -15.20 19.56
C CYS B 26 19.62 -16.37 20.22
N GLY B 27 20.22 -17.55 20.31
CA GLY B 27 19.57 -18.74 20.83
C GLY B 27 18.49 -19.22 19.89
N THR B 28 17.24 -19.15 20.32
CA THR B 28 16.09 -19.47 19.48
C THR B 28 15.23 -18.25 19.19
N THR B 29 15.67 -17.06 19.58
CA THR B 29 14.95 -15.83 19.30
C THR B 29 15.45 -15.25 17.98
N THR B 30 14.57 -15.21 16.97
CA THR B 30 14.92 -14.68 15.65
C THR B 30 14.03 -13.49 15.37
N LEU B 31 14.64 -12.39 14.92
CA LEU B 31 13.86 -11.27 14.38
C LEU B 31 14.62 -10.74 13.16
N ASN B 32 14.18 -9.61 12.66
CA ASN B 32 14.79 -9.04 11.46
C ASN B 32 15.76 -7.94 11.83
N GLY B 33 16.72 -7.71 10.94
CA GLY B 33 17.62 -6.59 11.06
C GLY B 33 17.79 -5.91 9.72
N LEU B 34 18.38 -4.72 9.78
CA LEU B 34 18.58 -3.81 8.65
C LEU B 34 20.08 -3.68 8.43
N TRP B 35 20.55 -4.12 7.26
CA TRP B 35 21.98 -4.18 6.90
C TRP B 35 22.31 -3.00 5.99
N LEU B 36 23.06 -2.05 6.50
CA LEU B 36 23.44 -0.87 5.75
C LEU B 36 24.93 -0.68 5.90
N ASP B 37 25.65 -0.61 4.77
CA ASP B 37 27.11 -0.60 4.82
C ASP B 37 27.52 -1.83 5.65
N ASP B 38 28.41 -1.70 6.63
CA ASP B 38 28.85 -2.87 7.39
C ASP B 38 28.26 -2.94 8.78
N VAL B 39 27.04 -2.43 8.96
CA VAL B 39 26.36 -2.50 10.24
C VAL B 39 24.98 -3.10 10.05
N VAL B 40 24.56 -3.93 11.01
CA VAL B 40 23.21 -4.49 11.06
C VAL B 40 22.53 -3.90 12.30
N TYR B 41 21.35 -3.33 12.09
CA TYR B 41 20.55 -2.70 13.14
C TYR B 41 19.36 -3.58 13.47
N CYS B 42 19.09 -3.80 14.75
CA CYS B 42 17.94 -4.63 15.09
C CYS B 42 17.49 -4.31 16.51
N PRO B 43 16.30 -4.76 16.90
CA PRO B 43 15.82 -4.51 18.26
C PRO B 43 16.68 -5.23 19.27
N ARG B 44 16.98 -4.53 20.37
CA ARG B 44 17.86 -5.15 21.36
C ARG B 44 17.21 -6.32 22.06
N HIS B 45 15.88 -6.49 21.98
CA HIS B 45 15.34 -7.62 22.73
C HIS B 45 15.62 -8.96 22.08
N VAL B 46 16.37 -9.00 20.97
CA VAL B 46 16.83 -10.27 20.45
C VAL B 46 17.70 -11.00 21.47
N ILE B 47 18.31 -10.27 22.40
CA ILE B 47 19.22 -10.93 23.36
C ILE B 47 18.47 -11.51 24.55
N CYS B 48 17.15 -11.32 24.60
CA CYS B 48 16.32 -11.79 25.71
C CYS B 48 15.83 -13.20 25.45
N THR B 49 15.89 -14.03 26.48
CA THR B 49 15.08 -15.23 26.53
C THR B 49 13.62 -14.85 26.78
N SER B 50 12.70 -15.66 26.24
CA SER B 50 11.29 -15.35 26.43
C SER B 50 10.96 -15.14 27.90
N GLU B 51 11.71 -15.77 28.80
CA GLU B 51 11.52 -15.52 30.22
C GLU B 51 12.22 -14.24 30.69
N ASP B 52 13.19 -13.73 29.93
CA ASP B 52 13.82 -12.47 30.27
C ASP B 52 13.04 -11.26 29.79
N MET B 53 12.08 -11.45 28.87
CA MET B 53 11.34 -10.32 28.34
C MET B 53 10.45 -9.67 29.41
N LEU B 54 10.19 -10.37 30.52
CA LEU B 54 9.31 -9.82 31.54
C LEU B 54 9.90 -8.55 32.16
N ASN B 55 11.14 -8.63 32.66
CA ASN B 55 11.80 -7.49 33.30
C ASN B 55 13.29 -7.56 32.98
N PRO B 56 13.67 -7.18 31.76
CA PRO B 56 15.06 -7.41 31.32
C PRO B 56 16.00 -6.32 31.81
N ASN B 57 17.20 -6.72 32.21
CA ASN B 57 18.28 -5.78 32.46
C ASN B 57 19.19 -5.83 31.24
N TYR B 58 18.93 -4.95 30.27
CA TYR B 58 19.57 -5.08 28.96
C TYR B 58 21.09 -4.95 29.06
N GLU B 59 21.58 -3.96 29.81
CA GLU B 59 23.01 -3.81 29.98
C GLU B 59 23.62 -5.07 30.59
N ASP B 60 22.92 -5.69 31.54
CA ASP B 60 23.40 -6.94 32.13
C ASP B 60 23.44 -8.04 31.08
N LEU B 61 22.34 -8.20 30.34
CA LEU B 61 22.28 -9.25 29.34
C LEU B 61 23.32 -9.04 28.24
N LEU B 62 23.70 -7.79 27.97
CA LEU B 62 24.60 -7.53 26.84
C LEU B 62 26.06 -7.78 27.22
N ILE B 63 26.42 -7.51 28.48
CA ILE B 63 27.77 -7.83 28.92
C ILE B 63 28.03 -9.32 28.81
N ARG B 64 27.00 -10.15 28.95
CA ARG B 64 27.22 -11.58 28.84
C ARG B 64 27.47 -12.02 27.40
N LYS B 65 27.03 -11.25 26.42
CA LYS B 65 27.10 -11.66 25.02
C LYS B 65 28.44 -11.31 24.40
N SER B 66 28.84 -12.15 23.46
CA SER B 66 30.03 -11.92 22.64
C SER B 66 29.60 -11.87 21.18
N ASN B 67 30.52 -11.43 20.32
CA ASN B 67 30.21 -11.41 18.89
C ASN B 67 29.75 -12.79 18.41
N HIS B 68 30.39 -13.86 18.90
CA HIS B 68 30.08 -15.19 18.41
C HIS B 68 28.74 -15.74 18.89
N ASN B 69 27.97 -14.99 19.70
CA ASN B 69 26.63 -15.38 20.09
C ASN B 69 25.55 -14.90 19.11
N PHE B 70 25.91 -14.09 18.11
CA PHE B 70 24.95 -13.49 17.20
C PHE B 70 25.05 -14.17 15.85
N LEU B 71 23.91 -14.71 15.38
CA LEU B 71 23.82 -15.35 14.08
C LEU B 71 23.09 -14.36 13.18
N VAL B 72 23.81 -13.76 12.25
CA VAL B 72 23.21 -12.84 11.29
C VAL B 72 23.24 -13.54 9.94
N GLN B 73 22.09 -13.59 9.25
CA GLN B 73 21.99 -14.28 7.97
C GLN B 73 21.27 -13.41 6.96
N ALA B 74 21.83 -13.34 5.74
CA ALA B 74 21.13 -12.85 4.57
C ALA B 74 20.68 -14.08 3.79
N GLY B 75 19.39 -14.35 3.83
CA GLY B 75 18.94 -15.66 3.38
C GLY B 75 19.50 -16.72 4.31
N ASN B 76 20.11 -17.76 3.74
CA ASN B 76 20.82 -18.79 4.50
C ASN B 76 22.31 -18.50 4.66
N VAL B 77 22.80 -17.35 4.20
CA VAL B 77 24.23 -17.07 4.19
C VAL B 77 24.60 -16.29 5.45
N GLN B 78 25.47 -16.88 6.28
CA GLN B 78 25.89 -16.20 7.51
C GLN B 78 26.79 -15.00 7.21
N LEU B 79 26.53 -13.92 7.93
CA LEU B 79 27.36 -12.72 7.98
C LEU B 79 28.12 -12.70 9.30
N ARG B 80 29.45 -12.67 9.24
CA ARG B 80 30.22 -12.71 10.48
C ARG B 80 30.12 -11.37 11.21
N VAL B 81 29.82 -11.44 12.51
CA VAL B 81 29.73 -10.30 13.40
C VAL B 81 31.10 -10.06 14.01
N ILE B 82 31.58 -8.83 13.92
CA ILE B 82 32.90 -8.45 14.42
C ILE B 82 32.85 -7.33 15.46
N GLY B 83 31.65 -6.86 15.82
CA GLY B 83 31.53 -5.90 16.90
C GLY B 83 30.08 -5.82 17.28
N HIS B 84 29.81 -5.34 18.49
CA HIS B 84 28.42 -5.13 18.89
C HIS B 84 28.35 -3.99 19.88
N SER B 85 27.28 -3.21 19.78
CA SER B 85 27.00 -2.18 20.78
C SER B 85 25.51 -1.93 20.83
N MET B 86 25.09 -1.23 21.86
CA MET B 86 23.69 -0.91 22.08
C MET B 86 23.57 0.59 22.03
N GLN B 87 22.54 1.06 21.34
CA GLN B 87 22.20 2.47 21.28
C GLN B 87 20.72 2.56 21.60
N ASN B 88 20.39 3.08 22.78
CA ASN B 88 19.01 3.08 23.23
C ASN B 88 18.40 1.68 23.10
N CYS B 89 17.34 1.50 22.31
CA CYS B 89 16.70 0.20 22.25
C CYS B 89 17.09 -0.62 21.01
N VAL B 90 18.15 -0.22 20.28
CA VAL B 90 18.60 -0.99 19.12
CA VAL B 90 18.63 -0.89 19.07
C VAL B 90 20.03 -1.45 19.36
N LEU B 91 20.30 -2.60 18.77
CA LEU B 91 21.61 -3.23 18.71
C LEU B 91 22.21 -2.90 17.37
N LYS B 92 23.49 -2.57 17.38
CA LYS B 92 24.28 -2.34 16.17
C LYS B 92 25.32 -3.44 16.15
N LEU B 93 25.22 -4.31 15.16
CA LEU B 93 26.15 -5.39 14.99
C LEU B 93 27.07 -5.03 13.83
N LYS B 94 28.36 -4.87 14.12
CA LYS B 94 29.29 -4.63 13.02
C LYS B 94 29.57 -5.96 12.37
N VAL B 95 29.50 -6.00 11.04
CA VAL B 95 29.74 -7.23 10.29
C VAL B 95 30.93 -7.04 9.37
N ASP B 96 31.45 -8.15 8.85
CA ASP B 96 32.69 -8.07 8.10
C ASP B 96 32.48 -7.81 6.60
N THR B 97 31.23 -7.57 6.16
CA THR B 97 30.90 -7.37 4.77
C THR B 97 30.02 -6.13 4.64
N ALA B 98 30.40 -5.20 3.78
CA ALA B 98 29.53 -4.09 3.46
C ALA B 98 28.45 -4.54 2.48
N ASN B 99 27.21 -4.20 2.78
CA ASN B 99 26.12 -4.61 1.91
C ASN B 99 26.20 -3.95 0.54
N PRO B 100 26.40 -4.70 -0.53
CA PRO B 100 26.52 -4.08 -1.86
C PRO B 100 25.24 -3.45 -2.35
N LYS B 101 24.10 -3.78 -1.73
CA LYS B 101 22.82 -3.18 -2.11
C LYS B 101 22.44 -2.00 -1.24
N THR B 102 23.35 -1.48 -0.41
CA THR B 102 23.07 -0.33 0.44
C THR B 102 22.61 0.83 -0.43
N PRO B 103 21.43 1.38 -0.20
CA PRO B 103 21.01 2.57 -0.94
C PRO B 103 21.61 3.82 -0.34
N LYS B 104 21.46 4.94 -1.05
CA LYS B 104 21.55 6.22 -0.35
C LYS B 104 20.47 6.25 0.74
N TYR B 105 20.86 6.62 1.95
CA TYR B 105 19.90 6.56 3.06
C TYR B 105 20.20 7.61 4.10
N LYS B 106 19.20 7.84 4.94
CA LYS B 106 19.33 8.65 6.12
C LYS B 106 18.39 8.06 7.15
N PHE B 107 18.63 8.44 8.40
CA PHE B 107 17.80 8.07 9.54
C PHE B 107 17.06 9.32 10.00
N VAL B 108 15.73 9.28 9.95
CA VAL B 108 14.93 10.44 10.35
C VAL B 108 13.94 10.03 11.43
N ARG B 109 13.59 10.99 12.27
CA ARG B 109 12.59 10.80 13.32
C ARG B 109 11.37 11.61 12.92
N ILE B 110 10.25 10.93 12.69
CA ILE B 110 9.10 11.58 12.11
C ILE B 110 8.22 12.14 13.21
N GLN B 111 7.31 13.02 12.81
CA GLN B 111 6.31 13.60 13.68
C GLN B 111 4.99 12.84 13.59
N PRO B 112 4.16 12.92 14.63
CA PRO B 112 2.81 12.37 14.51
C PRO B 112 2.09 12.98 13.33
N GLY B 113 1.29 12.14 12.67
CA GLY B 113 0.62 12.48 11.46
C GLY B 113 1.36 12.12 10.22
N GLN B 114 2.68 11.96 10.30
CA GLN B 114 3.40 11.62 9.10
C GLN B 114 3.16 10.16 8.74
N THR B 115 3.20 9.88 7.44
CA THR B 115 2.98 8.56 6.91
C THR B 115 4.31 7.98 6.46
N PHE B 116 4.32 6.66 6.35
CA PHE B 116 5.51 5.95 5.93
C PHE B 116 5.10 4.55 5.49
N SER B 117 5.95 3.95 4.68
CA SER B 117 5.72 2.59 4.25
C SER B 117 6.40 1.62 5.20
N VAL B 118 5.70 0.53 5.50
CA VAL B 118 6.23 -0.56 6.31
C VAL B 118 6.46 -1.74 5.39
N LEU B 119 7.66 -2.33 5.44
CA LEU B 119 7.93 -3.59 4.76
C LEU B 119 7.88 -4.68 5.84
N ALA B 120 6.75 -5.37 5.94
CA ALA B 120 6.61 -6.40 6.99
C ALA B 120 7.46 -7.60 6.61
N CYS B 121 8.32 -8.07 7.54
CA CYS B 121 9.27 -9.12 7.25
C CYS B 121 9.21 -10.22 8.30
N TYR B 122 9.53 -11.44 7.89
CA TYR B 122 9.63 -12.58 8.81
C TYR B 122 10.85 -13.39 8.42
N ASN B 123 11.70 -13.72 9.40
CA ASN B 123 12.90 -14.50 9.15
C ASN B 123 13.74 -13.87 8.04
N GLY B 124 13.82 -12.52 8.04
CA GLY B 124 14.59 -11.82 7.06
C GLY B 124 13.96 -11.72 5.69
N SER B 125 12.78 -12.32 5.49
CA SER B 125 12.12 -12.38 4.19
C SER B 125 10.94 -11.43 4.15
N PRO B 126 10.87 -10.54 3.16
CA PRO B 126 9.71 -9.64 3.09
C PRO B 126 8.42 -10.36 2.73
N SER B 127 7.36 -10.00 3.41
CA SER B 127 6.02 -10.53 3.18
C SER B 127 5.08 -9.54 2.51
N GLY B 128 5.12 -8.27 2.87
CA GLY B 128 4.14 -7.32 2.36
C GLY B 128 4.56 -5.90 2.64
N VAL B 129 3.98 -4.96 1.89
CA VAL B 129 4.28 -3.55 2.06
C VAL B 129 2.99 -2.74 2.12
N TYR B 130 2.92 -1.81 3.06
CA TYR B 130 1.70 -1.03 3.25
C TYR B 130 2.03 0.30 3.91
N GLN B 131 1.17 1.27 3.71
CA GLN B 131 1.35 2.57 4.29
C GLN B 131 0.76 2.65 5.70
N CYS B 132 1.49 3.29 6.63
CA CYS B 132 1.04 3.54 8.00
C CYS B 132 1.07 5.02 8.29
N ALA B 133 0.20 5.47 9.18
CA ALA B 133 0.26 6.83 9.69
C ALA B 133 0.65 6.77 11.17
N MET B 134 1.63 7.57 11.56
CA MET B 134 1.96 7.69 12.98
C MET B 134 0.83 8.48 13.66
N ARG B 135 0.13 7.82 14.58
CA ARG B 135 -0.96 8.47 15.32
C ARG B 135 -0.43 9.50 16.31
N PRO B 136 -1.27 10.45 16.72
CA PRO B 136 -0.84 11.42 17.73
C PRO B 136 -0.44 10.79 19.05
N ASN B 137 -0.94 9.60 19.36
CA ASN B 137 -0.50 8.90 20.55
C ASN B 137 0.72 8.00 20.30
N PHE B 138 1.37 8.14 19.13
CA PHE B 138 2.66 7.49 18.85
C PHE B 138 2.52 5.97 18.75
N THR B 139 1.40 5.52 18.23
CA THR B 139 1.19 4.13 17.84
C THR B 139 0.89 4.10 16.35
N ILE B 140 1.06 2.92 15.74
CA ILE B 140 0.63 2.73 14.36
C ILE B 140 -0.28 1.54 14.31
N LYS B 141 -1.15 1.55 13.31
CA LYS B 141 -2.06 0.44 13.04
C LYS B 141 -1.38 -0.42 11.97
N GLY B 142 -0.52 -1.32 12.42
CA GLY B 142 0.16 -2.25 11.55
C GLY B 142 -0.57 -3.57 11.44
N SER B 143 0.03 -4.45 10.66
CA SER B 143 -0.39 -5.84 10.50
C SER B 143 0.91 -6.57 10.79
N PHE B 144 1.12 -6.89 12.07
CA PHE B 144 2.36 -7.48 12.55
C PHE B 144 2.04 -8.73 13.36
N LEU B 145 2.72 -9.82 13.03
CA LEU B 145 2.61 -11.09 13.72
C LEU B 145 3.92 -11.39 14.45
N ASN B 146 3.93 -12.47 15.22
CA ASN B 146 5.17 -12.92 15.83
C ASN B 146 6.27 -13.03 14.78
N GLY B 147 7.46 -12.56 15.14
CA GLY B 147 8.59 -12.63 14.25
C GLY B 147 8.77 -11.40 13.40
N SER B 148 7.90 -10.42 13.53
CA SER B 148 7.93 -9.22 12.69
C SER B 148 8.87 -8.16 13.21
N CYS B 149 9.33 -8.27 14.44
CA CYS B 149 10.17 -7.21 14.98
C CYS B 149 11.43 -6.99 14.14
N GLY B 150 11.85 -5.74 14.11
CA GLY B 150 12.92 -5.34 13.25
C GLY B 150 12.49 -5.00 11.83
N SER B 151 11.24 -5.28 11.45
CA SER B 151 10.69 -4.68 10.22
C SER B 151 10.79 -3.18 10.33
N VAL B 152 10.97 -2.51 9.17
CA VAL B 152 11.21 -1.08 9.20
C VAL B 152 10.17 -0.31 8.40
N GLY B 153 10.03 0.95 8.80
CA GLY B 153 9.23 1.93 8.07
C GLY B 153 10.14 2.97 7.44
N PHE B 154 9.72 3.46 6.27
CA PHE B 154 10.58 4.32 5.48
C PHE B 154 9.75 5.20 4.54
N ASN B 155 10.40 6.24 4.05
CA ASN B 155 9.97 7.03 2.90
C ASN B 155 11.14 7.13 1.92
N ILE B 156 10.82 7.32 0.65
CA ILE B 156 11.84 7.43 -0.39
C ILE B 156 11.68 8.79 -1.05
N ASP B 157 12.75 9.59 -1.03
CA ASP B 157 12.82 10.90 -1.69
C ASP B 157 13.94 10.89 -2.73
N TYR B 158 13.59 10.93 -4.01
CA TYR B 158 14.56 10.84 -5.09
C TYR B 158 15.26 9.50 -4.94
N ASP B 159 16.57 9.45 -4.79
CA ASP B 159 17.23 8.15 -4.67
C ASP B 159 17.33 7.67 -3.23
N CYS B 160 16.91 8.49 -2.27
CA CYS B 160 17.34 8.36 -0.88
C CYS B 160 16.24 7.75 -0.03
N VAL B 161 16.58 6.68 0.67
CA VAL B 161 15.66 6.05 1.61
C VAL B 161 15.84 6.69 2.98
N SER B 162 14.76 7.27 3.51
CA SER B 162 14.73 7.80 4.88
C SER B 162 14.06 6.78 5.79
N PHE B 163 14.86 6.12 6.59
CA PHE B 163 14.32 5.15 7.52
C PHE B 163 13.80 5.86 8.75
N CYS B 164 12.57 5.58 9.12
CA CYS B 164 12.00 6.27 10.27
C CYS B 164 11.44 5.40 11.38
N TYR B 165 11.27 4.09 11.18
CA TYR B 165 10.61 3.25 12.17
C TYR B 165 11.23 1.86 12.18
N MET B 166 11.37 1.29 13.35
CA MET B 166 11.72 -0.13 13.50
C MET B 166 10.75 -0.73 14.49
N HIS B 167 10.20 -1.89 14.17
CA HIS B 167 9.08 -2.43 14.96
C HIS B 167 9.55 -3.21 16.18
N HIS B 168 8.89 -2.98 17.33
CA HIS B 168 9.26 -3.68 18.55
C HIS B 168 8.11 -4.36 19.29
N MET B 169 6.88 -3.85 19.22
CA MET B 169 5.89 -4.45 20.12
C MET B 169 4.45 -4.10 19.77
N GLU B 170 3.56 -4.90 20.36
CA GLU B 170 2.12 -4.72 20.22
C GLU B 170 1.52 -4.43 21.58
N LEU B 171 0.67 -3.46 21.63
CA LEU B 171 -0.05 -3.01 22.82
C LEU B 171 -1.35 -3.79 22.97
N PRO B 172 -1.93 -3.79 24.18
CA PRO B 172 -3.14 -4.61 24.39
C PRO B 172 -4.29 -4.23 23.45
N THR B 173 -4.41 -2.97 23.03
CA THR B 173 -5.49 -2.61 22.12
C THR B 173 -5.26 -3.07 20.69
N GLY B 174 -4.13 -3.74 20.38
CA GLY B 174 -3.89 -4.26 19.06
C GLY B 174 -3.04 -3.37 18.17
N VAL B 175 -2.71 -2.16 18.62
CA VAL B 175 -1.87 -1.27 17.82
C VAL B 175 -0.40 -1.53 18.16
N HIS B 176 0.50 -0.82 17.48
CA HIS B 176 1.89 -1.18 17.44
C HIS B 176 2.77 -0.01 17.84
N ALA B 177 3.92 -0.34 18.43
CA ALA B 177 4.89 0.64 18.90
C ALA B 177 6.29 0.20 18.51
N GLY B 178 7.14 1.20 18.36
CA GLY B 178 8.51 0.96 17.94
C GLY B 178 9.35 2.20 18.11
N THR B 179 10.53 2.16 17.49
CA THR B 179 11.55 3.19 17.66
C THR B 179 11.93 3.78 16.31
N ASP B 180 12.71 4.86 16.36
CA ASP B 180 13.44 5.29 15.18
C ASP B 180 14.69 4.42 15.06
N LEU B 181 15.54 4.73 14.07
CA LEU B 181 16.70 3.88 13.80
C LEU B 181 17.87 4.22 14.73
N GLU B 182 17.71 5.22 15.58
CA GLU B 182 18.62 5.42 16.71
C GLU B 182 18.15 4.76 18.00
N GLY B 183 17.08 3.95 17.97
CA GLY B 183 16.60 3.20 19.11
C GLY B 183 15.70 3.94 20.08
N ASN B 184 15.28 5.17 19.76
CA ASN B 184 14.46 5.96 20.65
C ASN B 184 12.99 5.68 20.36
N PHE B 185 12.26 5.16 21.34
CA PHE B 185 10.85 4.87 21.12
C PHE B 185 10.09 6.13 20.70
N TYR B 186 9.10 5.92 19.83
CA TYR B 186 8.06 6.92 19.63
C TYR B 186 7.08 6.71 20.75
N GLY B 187 6.81 7.76 21.52
CA GLY B 187 5.84 7.70 22.58
C GLY B 187 6.40 7.15 23.89
N PRO B 188 5.51 6.94 24.87
CA PRO B 188 5.97 6.64 26.23
C PRO B 188 6.19 5.15 26.48
N PHE B 189 6.63 4.40 25.47
CA PHE B 189 6.69 2.95 25.61
C PHE B 189 8.12 2.51 25.89
N VAL B 190 8.23 1.30 26.45
CA VAL B 190 9.49 0.65 26.85
C VAL B 190 9.46 -0.76 26.30
N ASP B 191 10.64 -1.27 25.88
CA ASP B 191 10.69 -2.64 25.35
C ASP B 191 10.78 -3.65 26.49
N ARG B 192 9.65 -3.78 27.22
CA ARG B 192 9.48 -4.78 28.26
C ARG B 192 8.16 -5.51 28.01
N GLN B 193 8.10 -6.77 28.41
CA GLN B 193 6.91 -7.58 28.15
C GLN B 193 5.86 -7.33 29.24
N THR B 194 5.50 -6.05 29.37
CA THR B 194 4.47 -5.60 30.29
C THR B 194 3.26 -5.07 29.52
N ALA B 195 2.18 -4.86 30.27
CA ALA B 195 0.99 -4.22 29.72
C ALA B 195 1.17 -2.72 29.76
N GLN B 196 1.00 -2.07 28.61
CA GLN B 196 1.28 -0.65 28.46
C GLN B 196 0.15 -0.01 27.71
N ALA B 197 -0.22 1.20 28.13
CA ALA B 197 -1.40 1.88 27.63
C ALA B 197 -1.01 2.99 26.68
N ALA B 198 -1.64 3.01 25.52
CA ALA B 198 -1.53 4.14 24.61
C ALA B 198 -2.39 5.29 25.11
N GLY B 199 -1.83 6.51 25.05
CA GLY B 199 -2.63 7.69 25.30
C GLY B 199 -3.88 7.68 24.46
N THR B 200 -4.95 8.33 24.90
CA THR B 200 -6.14 8.36 24.07
C THR B 200 -5.82 9.04 22.75
N ASP B 201 -6.29 8.45 21.66
CA ASP B 201 -5.88 8.98 20.38
C ASP B 201 -6.79 10.13 19.99
N THR B 202 -6.29 10.93 19.04
CA THR B 202 -6.94 12.11 18.54
C THR B 202 -6.82 12.10 17.02
N THR B 203 -7.65 12.93 16.38
CA THR B 203 -7.66 13.04 14.92
C THR B 203 -6.52 13.95 14.44
N ILE B 204 -5.90 13.55 13.33
CA ILE B 204 -4.75 14.29 12.80
C ILE B 204 -5.23 15.45 11.94
N THR B 205 -5.34 16.61 12.57
CA THR B 205 -5.92 17.80 11.95
C THR B 205 -5.23 18.18 10.64
N VAL B 206 -3.90 18.15 10.61
CA VAL B 206 -3.20 18.65 9.42
C VAL B 206 -3.53 17.80 8.22
N ASN B 207 -3.75 16.50 8.46
CA ASN B 207 -4.10 15.58 7.39
C ASN B 207 -5.57 15.74 7.00
N VAL B 208 -6.47 16.01 7.94
CA VAL B 208 -7.83 16.37 7.55
C VAL B 208 -7.83 17.60 6.66
N LEU B 209 -7.06 18.63 7.04
CA LEU B 209 -6.97 19.82 6.19
C LEU B 209 -6.44 19.46 4.81
N ALA B 210 -5.41 18.62 4.75
CA ALA B 210 -4.91 18.19 3.44
C ALA B 210 -6.02 17.56 2.61
N TRP B 211 -6.84 16.73 3.25
CA TRP B 211 -7.99 16.08 2.62
C TRP B 211 -8.98 17.10 2.07
N LEU B 212 -9.27 18.14 2.85
CA LEU B 212 -10.15 19.20 2.35
C LEU B 212 -9.54 19.91 1.14
N TYR B 213 -8.24 20.18 1.17
CA TYR B 213 -7.59 20.73 -0.03
C TYR B 213 -7.72 19.78 -1.21
N ALA B 214 -7.56 18.48 -0.98
CA ALA B 214 -7.71 17.52 -2.07
C ALA B 214 -9.11 17.59 -2.65
N ALA B 215 -10.13 17.72 -1.79
CA ALA B 215 -11.51 17.86 -2.27
C ALA B 215 -11.64 19.10 -3.13
N VAL B 216 -11.04 20.20 -2.72
CA VAL B 216 -11.15 21.43 -3.48
C VAL B 216 -10.48 21.28 -4.83
N ILE B 217 -9.31 20.63 -4.86
CA ILE B 217 -8.57 20.43 -6.11
C ILE B 217 -9.45 19.69 -7.13
N ASN B 218 -10.32 18.81 -6.64
CA ASN B 218 -11.18 17.99 -7.47
C ASN B 218 -12.58 18.58 -7.65
N GLY B 219 -12.76 19.84 -7.29
CA GLY B 219 -13.99 20.56 -7.58
C GLY B 219 -15.08 20.43 -6.53
N ASP B 220 -14.78 19.84 -5.39
CA ASP B 220 -15.76 19.58 -4.34
C ASP B 220 -15.49 20.59 -3.24
N ARG B 221 -16.23 21.69 -3.24
CA ARG B 221 -15.82 22.81 -2.40
C ARG B 221 -17.00 23.48 -1.69
N TRP B 222 -18.09 22.72 -1.46
CA TRP B 222 -19.28 23.32 -0.84
C TRP B 222 -19.01 23.85 0.55
N PHE B 223 -18.00 23.29 1.24
CA PHE B 223 -17.71 23.56 2.64
C PHE B 223 -16.84 24.80 2.84
N LEU B 224 -16.37 25.43 1.76
CA LEU B 224 -15.58 26.64 1.89
C LEU B 224 -16.52 27.76 2.33
N ASN B 225 -16.17 28.42 3.43
CA ASN B 225 -17.04 29.46 4.00
C ASN B 225 -16.35 30.80 3.87
N ARG B 226 -17.03 31.86 4.35
CA ARG B 226 -16.56 33.22 4.17
C ARG B 226 -15.65 33.70 5.30
N PHE B 227 -15.27 32.83 6.22
CA PHE B 227 -14.63 33.21 7.47
C PHE B 227 -13.15 32.83 7.47
N THR B 228 -12.41 33.43 8.41
CA THR B 228 -11.07 33.00 8.76
C THR B 228 -11.00 32.94 10.28
N THR B 229 -9.87 32.48 10.79
CA THR B 229 -9.70 32.28 12.22
C THR B 229 -8.24 32.55 12.54
N THR B 230 -7.95 32.67 13.83
CA THR B 230 -6.58 32.58 14.28
C THR B 230 -6.23 31.12 14.56
N LEU B 231 -4.94 30.86 14.56
CA LEU B 231 -4.48 29.52 14.87
C LEU B 231 -4.84 29.12 16.31
N ASN B 232 -4.68 30.05 17.24
CA ASN B 232 -5.06 29.78 18.63
C ASN B 232 -6.55 29.51 18.76
N ASP B 233 -7.39 30.38 18.19
CA ASP B 233 -8.82 30.13 18.29
C ASP B 233 -9.18 28.77 17.68
N PHE B 234 -8.55 28.40 16.55
CA PHE B 234 -8.85 27.11 15.97
C PHE B 234 -8.42 25.96 16.91
N ASN B 235 -7.21 26.06 17.46
CA ASN B 235 -6.68 24.98 18.28
C ASN B 235 -7.54 24.75 19.51
N LEU B 236 -8.00 25.83 20.13
CA LEU B 236 -8.85 25.66 21.31
C LEU B 236 -10.15 24.97 20.95
N VAL B 237 -10.76 25.33 19.82
CA VAL B 237 -11.99 24.65 19.41
C VAL B 237 -11.70 23.20 19.04
N ALA B 238 -10.67 23.00 18.21
CA ALA B 238 -10.39 21.66 17.70
C ALA B 238 -10.26 20.65 18.83
N MET B 239 -9.57 21.05 19.90
CA MET B 239 -9.33 20.13 21.01
C MET B 239 -10.62 19.70 21.69
N LYS B 240 -11.68 20.51 21.62
CA LYS B 240 -12.97 20.07 22.15
C LYS B 240 -13.62 19.00 21.30
N TYR B 241 -13.13 18.77 20.08
CA TYR B 241 -13.64 17.71 19.22
C TYR B 241 -12.64 16.57 19.07
N ASN B 242 -11.62 16.53 19.93
CA ASN B 242 -10.62 15.47 19.93
C ASN B 242 -9.77 15.53 18.67
N TYR B 243 -9.60 16.73 18.12
CA TYR B 243 -8.65 17.01 17.05
C TYR B 243 -7.36 17.54 17.66
N GLU B 244 -6.25 17.20 17.02
CA GLU B 244 -4.96 17.70 17.45
C GLU B 244 -4.84 19.19 17.20
N PRO B 245 -4.14 19.92 18.06
CA PRO B 245 -3.82 21.30 17.71
C PRO B 245 -2.79 21.31 16.59
N LEU B 246 -2.87 22.36 15.81
CA LEU B 246 -1.89 22.59 14.76
C LEU B 246 -0.64 23.26 15.31
N THR B 247 0.48 22.91 14.72
CA THR B 247 1.75 23.57 14.95
C THR B 247 2.09 24.49 13.79
N GLN B 248 3.13 25.30 13.99
CA GLN B 248 3.63 26.12 12.89
C GLN B 248 4.13 25.25 11.76
N ASP B 249 4.70 24.08 12.07
CA ASP B 249 5.21 23.19 11.03
C ASP B 249 4.06 22.65 10.19
N HIS B 250 2.94 22.36 10.82
CA HIS B 250 1.72 21.97 10.10
C HIS B 250 1.26 23.06 9.13
N VAL B 251 1.25 24.31 9.59
CA VAL B 251 0.86 25.39 8.70
C VAL B 251 1.79 25.41 7.50
N ASP B 252 3.10 25.25 7.77
CA ASP B 252 4.10 25.28 6.72
C ASP B 252 3.94 24.14 5.71
N ILE B 253 3.63 22.92 6.17
CA ILE B 253 3.58 21.82 5.22
C ILE B 253 2.29 21.85 4.41
N LEU B 254 1.31 22.65 4.82
CA LEU B 254 0.13 22.91 3.99
C LEU B 254 0.37 24.01 2.95
N GLY B 255 1.54 24.65 2.96
CA GLY B 255 1.86 25.74 2.05
C GLY B 255 1.61 25.43 0.59
N PRO B 256 2.17 24.34 0.11
CA PRO B 256 1.99 24.00 -1.31
C PRO B 256 0.53 23.84 -1.73
N LEU B 257 -0.29 23.17 -0.92
CA LEU B 257 -1.71 22.99 -1.27
C LEU B 257 -2.45 24.31 -1.18
N SER B 258 -2.15 25.12 -0.14
CA SER B 258 -2.69 26.47 -0.05
C SER B 258 -2.37 27.27 -1.30
N ALA B 259 -1.13 27.18 -1.81
CA ALA B 259 -0.74 27.93 -3.00
C ALA B 259 -1.42 27.40 -4.24
N GLN B 260 -1.57 26.07 -4.31
CA GLN B 260 -2.22 25.44 -5.45
C GLN B 260 -3.67 25.87 -5.58
N THR B 261 -4.38 26.00 -4.45
CA THR B 261 -5.80 26.33 -4.46
C THR B 261 -6.11 27.80 -4.24
N GLY B 262 -5.17 28.58 -3.70
CA GLY B 262 -5.42 29.95 -3.37
C GLY B 262 -6.22 30.14 -2.10
N ILE B 263 -6.37 29.10 -1.31
CA ILE B 263 -7.11 29.16 -0.07
C ILE B 263 -6.11 29.18 1.06
N ALA B 264 -6.04 30.30 1.78
CA ALA B 264 -5.13 30.41 2.91
C ALA B 264 -5.40 29.32 3.94
N VAL B 265 -4.33 28.88 4.60
CA VAL B 265 -4.46 27.81 5.60
C VAL B 265 -5.50 28.17 6.66
N LEU B 266 -5.42 29.38 7.23
CA LEU B 266 -6.36 29.75 8.29
C LEU B 266 -7.79 29.87 7.77
N ASP B 267 -7.98 30.18 6.47
CA ASP B 267 -9.33 30.14 5.92
C ASP B 267 -9.85 28.72 5.88
N MET B 268 -9.02 27.76 5.44
CA MET B 268 -9.47 26.38 5.48
C MET B 268 -9.73 25.95 6.91
N CYS B 269 -8.93 26.44 7.85
CA CYS B 269 -9.17 26.08 9.25
C CYS B 269 -10.55 26.54 9.68
N ALA B 270 -10.97 27.73 9.24
CA ALA B 270 -12.31 28.22 9.53
C ALA B 270 -13.38 27.34 8.90
N SER B 271 -13.15 26.86 7.68
CA SER B 271 -14.08 25.91 7.08
C SER B 271 -14.19 24.61 7.92
N LEU B 272 -13.06 24.06 8.34
CA LEU B 272 -13.09 22.85 9.15
C LEU B 272 -13.81 23.09 10.48
N LYS B 273 -13.56 24.25 11.11
CA LYS B 273 -14.20 24.54 12.39
C LYS B 273 -15.71 24.53 12.23
N GLU B 274 -16.23 25.06 11.12
CA GLU B 274 -17.67 25.00 10.91
C GLU B 274 -18.14 23.57 10.72
N LEU B 275 -17.38 22.73 10.00
CA LEU B 275 -17.79 21.34 9.84
C LEU B 275 -17.85 20.65 11.21
N LEU B 276 -16.88 20.92 12.07
CA LEU B 276 -16.87 20.31 13.39
C LEU B 276 -18.07 20.77 14.21
N GLN B 277 -18.33 22.08 14.21
CA GLN B 277 -19.38 22.65 15.05
C GLN B 277 -20.77 22.31 14.54
N ASN B 278 -20.94 22.26 13.22
CA ASN B 278 -22.26 22.12 12.62
C ASN B 278 -22.47 20.76 12.00
N GLY B 279 -21.43 19.96 11.84
CA GLY B 279 -21.56 18.67 11.21
C GLY B 279 -21.70 18.78 9.70
N MET B 280 -21.80 17.61 9.07
CA MET B 280 -21.86 17.53 7.62
C MET B 280 -23.25 17.80 7.08
N ASN B 281 -24.30 17.52 7.86
CA ASN B 281 -25.69 17.74 7.43
C ASN B 281 -26.04 16.86 6.24
N GLY B 282 -25.75 15.57 6.36
CA GLY B 282 -26.05 14.62 5.31
C GLY B 282 -25.27 14.84 4.02
N ARG B 283 -24.35 15.79 4.00
CA ARG B 283 -23.53 16.02 2.81
C ARG B 283 -22.28 15.17 2.86
N THR B 284 -21.63 15.04 1.72
CA THR B 284 -20.40 14.25 1.61
C THR B 284 -19.27 15.12 1.08
N ILE B 285 -18.04 14.67 1.33
CA ILE B 285 -16.83 15.27 0.78
C ILE B 285 -16.02 14.16 0.15
N LEU B 286 -15.68 14.32 -1.13
CA LEU B 286 -14.98 13.27 -1.86
C LEU B 286 -15.71 11.94 -1.72
N GLY B 287 -17.04 12.01 -1.64
CA GLY B 287 -17.87 10.82 -1.64
C GLY B 287 -18.08 10.16 -0.30
N SER B 288 -17.74 10.83 0.80
CA SER B 288 -17.84 10.23 2.13
C SER B 288 -18.35 11.26 3.13
N ALA B 289 -19.11 10.79 4.12
CA ALA B 289 -19.46 11.62 5.25
C ALA B 289 -18.38 11.63 6.33
N LEU B 290 -17.34 10.81 6.17
CA LEU B 290 -16.25 10.74 7.13
C LEU B 290 -15.04 11.52 6.60
N LEU B 291 -14.43 12.29 7.47
CA LEU B 291 -13.20 13.00 7.13
C LEU B 291 -11.98 12.10 7.32
N GLU B 292 -11.15 12.01 6.31
CA GLU B 292 -9.99 11.15 6.32
C GLU B 292 -8.80 11.87 6.94
N ASP B 293 -8.05 11.18 7.82
CA ASP B 293 -6.91 11.83 8.47
C ASP B 293 -5.60 11.07 8.31
N GLU B 294 -5.48 10.14 7.36
CA GLU B 294 -4.24 9.39 7.16
C GLU B 294 -3.55 9.68 5.82
N PHE B 295 -3.93 10.76 5.14
CA PHE B 295 -3.19 11.27 4.00
C PHE B 295 -2.55 12.60 4.35
N THR B 296 -1.23 12.66 4.24
CA THR B 296 -0.51 13.89 4.52
C THR B 296 -0.61 14.84 3.35
N PRO B 297 -0.18 16.09 3.55
CA PRO B 297 -0.14 17.00 2.40
C PRO B 297 0.72 16.46 1.27
N PHE B 298 1.82 15.79 1.59
CA PHE B 298 2.66 15.18 0.57
C PHE B 298 1.93 14.06 -0.18
N ASP B 299 1.21 13.21 0.55
CA ASP B 299 0.44 12.14 -0.07
C ASP B 299 -0.60 12.72 -1.04
N VAL B 300 -1.26 13.82 -0.65
CA VAL B 300 -2.29 14.42 -1.50
C VAL B 300 -1.71 14.92 -2.80
N VAL B 301 -0.60 15.66 -2.72
CA VAL B 301 0.00 16.21 -3.93
C VAL B 301 0.42 15.08 -4.87
N ARG B 302 0.99 14.01 -4.31
CA ARG B 302 1.44 12.89 -5.15
C ARG B 302 0.28 12.28 -5.93
N GLN B 303 -0.87 12.10 -5.28
CA GLN B 303 -1.99 11.44 -5.95
C GLN B 303 -2.82 12.41 -6.79
N CYS B 304 -2.73 13.71 -6.53
CA CYS B 304 -3.46 14.67 -7.35
C CYS B 304 -2.63 15.12 -8.54
N SER B 305 -1.33 15.35 -8.33
CA SER B 305 -0.48 15.97 -9.33
C SER B 305 0.61 15.05 -9.85
N GLY B 306 0.97 14.01 -9.10
CA GLY B 306 1.90 13.00 -9.61
C GLY B 306 3.33 13.48 -9.76
#